data_8C9V
#
_entry.id   8C9V
#
_cell.length_a   44.791
_cell.length_b   44.791
_cell.length_c   204.919
_cell.angle_alpha   90.000
_cell.angle_beta   90.000
_cell.angle_gamma   90.000
#
_symmetry.space_group_name_H-M   'P 43 21 2'
#
loop_
_entity.id
_entity.type
_entity.pdbx_description
1 polymer 'O-methyltransferase, family 3'
2 non-polymer 'MAGNESIUM ION'
3 water water
#
_entity_poly.entity_id   1
_entity_poly.type   'polypeptide(L)'
_entity_poly.pdbx_seq_one_letter_code
;MNKELHQLLCELEEFGQANDEKTEDRAQRMLNITPDTGEFLAVLVRAMNARRVLEIGTSNGYSTLWLADAVSAIDGSVTT
VEYAEQKYRLAQKNFSRTSLAHRIDAILGDAGTILGNADDAVYDLIFLDSERSQYPGWWPDLKRLLRPGGLLVVDNALSH
GEQMAPFKALVEADVEFTTCVVPVGKGEFLATRSALEHHHHHH
;
_entity_poly.pdbx_strand_id   A
#
# COMPACT_ATOMS: atom_id res chain seq x y z
N LEU A 5 -5.73 -14.08 -13.63
CA LEU A 5 -5.76 -12.86 -12.73
C LEU A 5 -7.09 -12.13 -12.85
N HIS A 6 -7.52 -11.83 -14.07
CA HIS A 6 -8.81 -11.12 -14.31
C HIS A 6 -9.90 -11.93 -13.65
N GLN A 7 -9.88 -13.26 -13.84
CA GLN A 7 -10.95 -14.16 -13.34
C GLN A 7 -10.94 -14.12 -11.81
N LEU A 8 -9.73 -14.20 -11.23
CA LEU A 8 -9.56 -14.23 -9.75
C LEU A 8 -10.03 -12.90 -9.16
N LEU A 9 -9.65 -11.77 -9.76
CA LEU A 9 -10.08 -10.43 -9.26
C LEU A 9 -11.62 -10.35 -9.29
N CYS A 10 -12.25 -10.76 -10.38
CA CYS A 10 -13.74 -10.75 -10.54
C CYS A 10 -14.39 -11.60 -9.43
N GLU A 11 -13.83 -12.77 -9.10
CA GLU A 11 -14.36 -13.67 -8.04
C GLU A 11 -14.23 -12.97 -6.68
N LEU A 12 -13.07 -12.37 -6.42
CA LEU A 12 -12.84 -11.66 -5.14
C LEU A 12 -13.79 -10.48 -5.01
N GLU A 13 -14.07 -9.79 -6.12
CA GLU A 13 -14.99 -8.61 -6.14
C GLU A 13 -16.43 -9.05 -5.79
N GLU A 14 -16.79 -10.33 -5.95
CA GLU A 14 -18.17 -10.79 -5.63
C GLU A 14 -18.46 -10.59 -4.13
N PHE A 15 -17.45 -10.34 -3.27
CA PHE A 15 -17.71 -10.23 -1.80
C PHE A 15 -17.99 -8.79 -1.37
N GLY A 16 -17.73 -7.80 -2.23
CA GLY A 16 -18.08 -6.41 -1.94
C GLY A 16 -17.11 -5.80 -0.94
N GLN A 17 -17.42 -4.59 -0.49
CA GLN A 17 -16.58 -3.73 0.38
C GLN A 17 -16.82 -3.99 1.86
N ALA A 18 -15.77 -4.05 2.65
CA ALA A 18 -15.79 -4.15 4.14
C ALA A 18 -16.60 -3.01 4.76
N ALA A 27 -16.89 -12.36 6.19
CA ALA A 27 -16.55 -10.97 6.57
C ALA A 27 -15.07 -10.67 6.25
N GLN A 28 -14.18 -11.65 6.41
CA GLN A 28 -12.72 -11.55 6.14
C GLN A 28 -12.46 -11.47 4.64
N ARG A 29 -13.43 -11.87 3.82
CA ARG A 29 -13.28 -11.89 2.33
C ARG A 29 -13.74 -10.55 1.76
N MET A 30 -14.37 -9.69 2.58
CA MET A 30 -14.82 -8.36 2.05
C MET A 30 -13.60 -7.50 1.74
N LEU A 31 -13.67 -6.69 0.67
CA LEU A 31 -12.48 -6.00 0.12
C LEU A 31 -12.13 -4.75 0.92
N ASN A 32 -10.82 -4.52 1.06
CA ASN A 32 -10.18 -3.40 1.78
C ASN A 32 -10.11 -2.17 0.87
N ILE A 33 -10.29 -2.35 -0.44
CA ILE A 33 -10.26 -1.20 -1.40
C ILE A 33 -11.36 -1.41 -2.43
N THR A 34 -11.68 -0.32 -3.12
CA THR A 34 -12.57 -0.42 -4.28
C THR A 34 -11.78 -0.95 -5.49
N PRO A 35 -12.46 -1.57 -6.48
CA PRO A 35 -11.79 -1.99 -7.71
C PRO A 35 -11.13 -0.79 -8.41
N ASP A 36 -11.77 0.39 -8.41
CA ASP A 36 -11.13 1.51 -9.13
C ASP A 36 -9.95 2.07 -8.34
N THR A 37 -9.82 1.77 -7.04
CA THR A 37 -8.59 2.06 -6.32
C THR A 37 -7.48 1.12 -6.82
N GLY A 38 -7.78 -0.15 -7.02
CA GLY A 38 -6.83 -1.13 -7.58
C GLY A 38 -6.35 -0.70 -8.95
N GLU A 39 -7.29 -0.21 -9.78
CA GLU A 39 -6.93 0.25 -11.13
C GLU A 39 -5.98 1.44 -11.02
N PHE A 40 -6.21 2.33 -10.07
CA PHE A 40 -5.36 3.51 -9.84
C PHE A 40 -3.96 3.04 -9.43
N LEU A 41 -3.86 2.12 -8.46
CA LEU A 41 -2.55 1.61 -8.07
C LEU A 41 -1.81 0.96 -9.25
N ALA A 42 -2.51 0.25 -10.13
CA ALA A 42 -1.96 -0.43 -11.32
C ALA A 42 -1.26 0.62 -12.19
N VAL A 43 -1.93 1.75 -12.42
CA VAL A 43 -1.34 2.82 -13.23
C VAL A 43 -0.16 3.44 -12.50
N LEU A 44 -0.31 3.75 -11.20
CA LEU A 44 0.77 4.48 -10.49
C LEU A 44 2.05 3.62 -10.47
N VAL A 45 1.95 2.34 -10.12
CA VAL A 45 3.17 1.50 -10.03
C VAL A 45 3.88 1.42 -11.37
N ARG A 46 3.14 1.30 -12.46
CA ARG A 46 3.76 1.22 -13.78
C ARG A 46 4.34 2.56 -14.17
N ALA A 47 3.56 3.62 -14.02
CA ALA A 47 3.98 4.97 -14.47
C ALA A 47 5.20 5.42 -13.67
N MET A 48 5.32 5.08 -12.38
CA MET A 48 6.55 5.60 -11.69
C MET A 48 7.67 4.57 -11.72
N ASN A 49 7.50 3.43 -12.40
CA ASN A 49 8.54 2.38 -12.48
C ASN A 49 8.85 1.99 -11.04
N ALA A 50 7.84 1.79 -10.23
CA ALA A 50 8.02 1.50 -8.78
C ALA A 50 8.32 0.01 -8.60
N ARG A 51 9.56 -0.42 -8.82
CA ARG A 51 9.90 -1.86 -8.79
C ARG A 51 9.88 -2.40 -7.37
N ARG A 52 10.04 -1.55 -6.36
CA ARG A 52 10.05 -1.97 -4.94
C ARG A 52 8.83 -1.36 -4.26
N VAL A 53 7.80 -2.17 -4.05
CA VAL A 53 6.57 -1.73 -3.39
C VAL A 53 6.46 -2.32 -1.98
N LEU A 54 5.99 -1.50 -1.06
CA LEU A 54 5.62 -1.98 0.32
C LEU A 54 4.12 -1.71 0.49
N GLU A 55 3.40 -2.70 0.96
CA GLU A 55 1.99 -2.58 1.35
C GLU A 55 1.85 -2.87 2.85
N ILE A 56 1.15 -2.00 3.54
CA ILE A 56 0.83 -2.21 4.97
C ILE A 56 -0.69 -2.39 5.02
N GLY A 57 -1.11 -3.63 5.22
CA GLY A 57 -2.52 -4.03 5.25
C GLY A 57 -2.89 -4.92 4.08
N THR A 58 -2.36 -6.14 4.04
CA THR A 58 -2.68 -7.15 3.00
C THR A 58 -4.19 -7.43 2.92
N SER A 59 -4.86 -7.47 4.06
CA SER A 59 -6.20 -8.09 4.15
C SER A 59 -6.15 -9.44 3.41
N ASN A 60 -7.14 -9.75 2.55
CA ASN A 60 -7.17 -11.04 1.81
C ASN A 60 -6.34 -10.95 0.51
N GLY A 61 -5.54 -9.92 0.31
CA GLY A 61 -4.59 -9.93 -0.82
C GLY A 61 -5.15 -9.32 -2.12
N TYR A 62 -6.37 -8.79 -2.10
CA TYR A 62 -7.01 -8.14 -3.29
C TYR A 62 -6.14 -6.96 -3.76
N SER A 63 -5.85 -6.02 -2.88
CA SER A 63 -4.96 -4.88 -3.19
C SER A 63 -3.60 -5.41 -3.65
N THR A 64 -3.05 -6.42 -2.95
CA THR A 64 -1.72 -6.98 -3.21
C THR A 64 -1.65 -7.46 -4.67
N LEU A 65 -2.72 -8.09 -5.14
CA LEU A 65 -2.74 -8.67 -6.51
C LEU A 65 -2.62 -7.55 -7.56
N TRP A 66 -3.30 -6.42 -7.35
CA TRP A 66 -3.12 -5.26 -8.28
C TRP A 66 -1.65 -4.79 -8.28
N LEU A 67 -1.06 -4.67 -7.07
CA LEU A 67 0.34 -4.21 -6.93
C LEU A 67 1.27 -5.25 -7.58
N ALA A 68 1.01 -6.52 -7.37
CA ALA A 68 1.92 -7.61 -7.81
C ALA A 68 1.89 -7.69 -9.33
N ASP A 69 0.72 -7.55 -9.90
CA ASP A 69 0.61 -7.56 -11.38
C ASP A 69 1.44 -6.40 -11.95
N ALA A 70 1.28 -5.23 -11.34
CA ALA A 70 1.98 -4.00 -11.76
C ALA A 70 3.49 -4.20 -11.68
N VAL A 71 4.01 -4.67 -10.55
CA VAL A 71 5.49 -4.83 -10.43
C VAL A 71 5.96 -5.95 -11.35
N SER A 72 5.11 -6.89 -11.70
CA SER A 72 5.50 -7.99 -12.61
C SER A 72 5.86 -7.39 -13.97
N ALA A 73 5.17 -6.29 -14.36
CA ALA A 73 5.34 -5.64 -15.68
C ALA A 73 6.67 -4.89 -15.73
N ILE A 74 7.28 -4.63 -14.57
CA ILE A 74 8.58 -3.88 -14.46
C ILE A 74 9.61 -4.69 -13.65
N ASP A 75 9.37 -6.00 -13.54
CA ASP A 75 10.32 -6.96 -12.93
C ASP A 75 10.66 -6.52 -11.51
N GLY A 76 9.65 -6.19 -10.73
CA GLY A 76 9.81 -5.72 -9.35
C GLY A 76 9.24 -6.73 -8.37
N SER A 77 8.91 -6.25 -7.18
CA SER A 77 8.38 -7.10 -6.09
C SER A 77 7.54 -6.25 -5.12
N VAL A 78 6.64 -6.93 -4.43
CA VAL A 78 5.78 -6.36 -3.36
C VAL A 78 6.09 -7.08 -2.05
N THR A 79 6.34 -6.30 -1.03
CA THR A 79 6.40 -6.79 0.37
C THR A 79 5.13 -6.30 1.03
N THR A 80 4.34 -7.23 1.61
CA THR A 80 3.05 -6.86 2.24
C THR A 80 3.03 -7.34 3.70
N VAL A 81 2.29 -6.64 4.54
CA VAL A 81 2.22 -6.93 6.00
C VAL A 81 0.75 -6.99 6.44
N GLU A 82 0.39 -8.07 7.16
CA GLU A 82 -0.97 -8.24 7.69
C GLU A 82 -0.87 -8.71 9.14
N TYR A 83 -1.64 -8.08 10.02
CA TYR A 83 -1.74 -8.42 11.47
C TYR A 83 -2.52 -9.73 11.67
N ALA A 84 -3.59 -10.01 10.89
CA ALA A 84 -4.59 -11.05 11.25
C ALA A 84 -4.33 -12.36 10.49
N GLU A 85 -4.09 -13.47 11.20
CA GLU A 85 -3.76 -14.78 10.58
C GLU A 85 -4.86 -15.19 9.60
N GLN A 86 -6.11 -14.97 9.99
CA GLN A 86 -7.28 -15.37 9.17
C GLN A 86 -7.17 -14.72 7.78
N LYS A 87 -6.92 -13.41 7.76
CA LYS A 87 -6.83 -12.65 6.48
C LYS A 87 -5.59 -13.12 5.72
N TYR A 88 -4.47 -13.28 6.42
CA TYR A 88 -3.19 -13.71 5.83
C TYR A 88 -3.33 -15.05 5.09
N ARG A 89 -4.00 -16.03 5.69
CA ARG A 89 -4.17 -17.36 5.07
C ARG A 89 -5.09 -17.27 3.85
N LEU A 90 -6.10 -16.40 3.87
CA LEU A 90 -6.95 -16.16 2.67
C LEU A 90 -6.05 -15.58 1.58
N ALA A 91 -5.14 -14.69 1.99
CA ALA A 91 -4.25 -13.96 1.06
C ALA A 91 -3.31 -15.00 0.44
N GLN A 92 -2.75 -15.90 1.26
CA GLN A 92 -1.84 -16.96 0.75
C GLN A 92 -2.59 -17.81 -0.30
N LYS A 93 -3.83 -18.22 0.00
CA LYS A 93 -4.64 -19.04 -0.94
C LYS A 93 -4.82 -18.27 -2.26
N ASN A 94 -5.24 -16.99 -2.18
CA ASN A 94 -5.45 -16.14 -3.38
C ASN A 94 -4.14 -16.07 -4.18
N PHE A 95 -2.97 -15.90 -3.53
CA PHE A 95 -1.67 -15.72 -4.24
C PHE A 95 -1.28 -17.03 -4.92
N SER A 96 -1.63 -18.14 -4.30
CA SER A 96 -1.28 -19.51 -4.75
C SER A 96 -2.02 -19.80 -6.06
N ARG A 97 -3.06 -19.01 -6.37
CA ARG A 97 -3.96 -19.22 -7.53
C ARG A 97 -3.48 -18.41 -8.74
N THR A 98 -2.30 -17.81 -8.65
CA THR A 98 -1.71 -16.95 -9.72
C THR A 98 -0.24 -17.29 -9.87
N SER A 99 0.37 -16.86 -10.96
CA SER A 99 1.83 -17.00 -11.20
C SER A 99 2.56 -15.89 -10.43
N LEU A 100 1.84 -14.98 -9.74
CA LEU A 100 2.42 -13.78 -9.11
C LEU A 100 2.93 -14.02 -7.68
N ALA A 101 2.71 -15.20 -7.05
CA ALA A 101 3.11 -15.41 -5.65
C ALA A 101 4.61 -15.14 -5.50
N HIS A 102 5.40 -15.46 -6.52
CA HIS A 102 6.88 -15.35 -6.50
C HIS A 102 7.29 -13.87 -6.43
N ARG A 103 6.39 -12.95 -6.73
CA ARG A 103 6.65 -11.50 -6.73
C ARG A 103 6.24 -10.90 -5.39
N ILE A 104 5.64 -11.69 -4.48
CA ILE A 104 5.07 -11.20 -3.20
C ILE A 104 5.82 -11.83 -2.03
N ASP A 105 6.32 -10.98 -1.13
CA ASP A 105 6.85 -11.32 0.22
C ASP A 105 5.75 -10.95 1.21
N ALA A 106 4.87 -11.91 1.57
CA ALA A 106 3.69 -11.69 2.44
C ALA A 106 4.12 -12.03 3.87
N ILE A 107 4.09 -11.03 4.75
CA ILE A 107 4.57 -11.15 6.15
C ILE A 107 3.33 -11.10 7.03
N LEU A 108 3.21 -12.10 7.90
CA LEU A 108 2.17 -12.11 8.96
C LEU A 108 2.85 -11.56 10.22
N GLY A 109 2.46 -10.38 10.69
CA GLY A 109 3.15 -9.74 11.82
C GLY A 109 2.63 -8.36 12.13
N ASP A 110 3.43 -7.63 12.90
CA ASP A 110 3.08 -6.30 13.44
C ASP A 110 3.79 -5.20 12.62
N ALA A 111 3.01 -4.35 11.96
CA ALA A 111 3.61 -3.36 11.02
C ALA A 111 4.58 -2.42 11.75
N GLY A 112 4.25 -1.96 12.95
CA GLY A 112 5.21 -1.17 13.74
C GLY A 112 6.57 -1.87 13.84
N THR A 113 6.63 -3.19 14.06
CA THR A 113 7.91 -3.97 14.14
C THR A 113 8.59 -4.03 12.77
N ILE A 114 7.84 -4.49 11.77
CA ILE A 114 8.34 -4.67 10.39
C ILE A 114 8.92 -3.32 9.91
N LEU A 115 8.22 -2.21 10.15
CA LEU A 115 8.69 -0.87 9.68
C LEU A 115 9.94 -0.40 10.43
N GLY A 116 9.97 -0.61 11.76
CA GLY A 116 11.11 -0.28 12.62
C GLY A 116 12.40 -0.91 12.12
N ASN A 117 12.33 -2.10 11.52
CA ASN A 117 13.50 -2.93 11.16
C ASN A 117 13.88 -2.74 9.68
N ALA A 118 12.99 -2.34 8.78
CA ALA A 118 13.37 -2.20 7.34
C ALA A 118 14.49 -1.15 7.16
N ASP A 119 15.21 -1.25 6.04
CA ASP A 119 16.36 -0.36 5.72
C ASP A 119 15.91 0.93 5.03
N ASP A 120 16.78 1.96 5.06
CA ASP A 120 16.45 3.31 4.50
C ASP A 120 16.27 3.24 2.99
N ALA A 121 15.25 3.93 2.44
CA ALA A 121 15.18 4.33 1.00
C ALA A 121 15.07 3.09 0.12
N VAL A 122 14.40 2.07 0.64
CA VAL A 122 14.37 0.71 0.05
C VAL A 122 13.09 0.59 -0.79
N TYR A 123 12.11 1.52 -0.66
CA TYR A 123 10.84 1.36 -1.40
C TYR A 123 10.56 2.56 -2.31
N ASP A 124 10.04 2.26 -3.49
CA ASP A 124 9.62 3.28 -4.49
C ASP A 124 8.22 3.78 -4.17
N LEU A 125 7.32 2.85 -3.82
CA LEU A 125 5.93 3.18 -3.49
C LEU A 125 5.55 2.42 -2.22
N ILE A 126 4.84 3.10 -1.35
CA ILE A 126 4.26 2.47 -0.13
C ILE A 126 2.76 2.72 -0.20
N PHE A 127 1.98 1.64 -0.12
CA PHE A 127 0.52 1.68 -0.02
C PHE A 127 0.13 1.38 1.42
N LEU A 128 -0.55 2.31 2.08
CA LEU A 128 -0.98 2.12 3.51
C LEU A 128 -2.50 1.95 3.56
N ASP A 129 -2.92 0.83 4.14
CA ASP A 129 -4.35 0.58 4.35
C ASP A 129 -4.46 -0.30 5.60
N SER A 130 -4.09 0.28 6.72
CA SER A 130 -4.02 -0.46 8.02
C SER A 130 -4.67 0.39 9.11
N GLU A 131 -4.18 0.27 10.34
CA GLU A 131 -4.79 0.89 11.51
C GLU A 131 -4.43 2.36 11.50
N ARG A 132 -5.38 3.21 11.11
CA ARG A 132 -5.06 4.64 10.83
C ARG A 132 -4.55 5.38 12.07
N SER A 133 -5.00 4.98 13.27
CA SER A 133 -4.55 5.61 14.54
C SER A 133 -3.03 5.48 14.70
N GLN A 134 -2.43 4.45 14.08
CA GLN A 134 -0.99 4.13 14.20
C GLN A 134 -0.14 5.02 13.30
N TYR A 135 -0.73 5.64 12.26
CA TYR A 135 0.11 6.22 11.21
C TYR A 135 1.06 7.27 11.76
N PRO A 136 0.63 8.19 12.65
CA PRO A 136 1.57 9.20 13.14
C PRO A 136 2.78 8.54 13.82
N GLY A 137 2.58 7.44 14.54
CA GLY A 137 3.71 6.78 15.20
C GLY A 137 4.67 6.15 14.23
N TRP A 138 4.16 5.70 13.08
CA TRP A 138 4.92 4.99 12.04
C TRP A 138 5.64 5.97 11.12
N TRP A 139 5.29 7.24 11.15
CA TRP A 139 5.69 8.25 10.16
C TRP A 139 7.21 8.36 10.02
N PRO A 140 8.02 8.48 11.10
CA PRO A 140 9.47 8.51 10.91
C PRO A 140 9.99 7.30 10.10
N ASP A 141 9.45 6.10 10.34
CA ASP A 141 9.85 4.88 9.61
C ASP A 141 9.34 4.95 8.16
N LEU A 142 8.08 5.36 7.97
CA LEU A 142 7.53 5.47 6.59
C LEU A 142 8.37 6.45 5.77
N LYS A 143 8.67 7.63 6.32
CA LYS A 143 9.52 8.61 5.62
C LYS A 143 10.90 8.03 5.30
N ARG A 144 11.53 7.34 6.24
CA ARG A 144 12.93 6.90 5.97
C ARG A 144 12.95 5.70 4.97
N LEU A 145 11.89 4.89 4.91
CA LEU A 145 11.82 3.73 3.99
C LEU A 145 11.54 4.18 2.56
N LEU A 146 10.90 5.32 2.40
CA LEU A 146 10.49 5.80 1.05
C LEU A 146 11.70 6.51 0.43
N ARG A 147 12.16 6.05 -0.73
CA ARG A 147 13.27 6.71 -1.43
C ARG A 147 12.88 8.15 -1.70
N PRO A 148 13.86 9.06 -1.76
CA PRO A 148 13.64 10.39 -2.33
C PRO A 148 13.08 10.19 -3.75
N GLY A 149 12.04 10.91 -4.09
CA GLY A 149 11.28 10.74 -5.33
C GLY A 149 10.17 9.73 -5.23
N GLY A 150 10.07 8.98 -4.12
CA GLY A 150 9.07 7.91 -4.06
C GLY A 150 7.68 8.45 -3.67
N LEU A 151 6.68 7.58 -3.70
CA LEU A 151 5.27 7.94 -3.46
C LEU A 151 4.65 7.08 -2.34
N LEU A 152 4.03 7.77 -1.40
CA LEU A 152 3.14 7.18 -0.39
C LEU A 152 1.68 7.36 -0.85
N VAL A 153 0.90 6.29 -0.81
CA VAL A 153 -0.53 6.26 -1.14
C VAL A 153 -1.26 5.72 0.08
N VAL A 154 -2.20 6.49 0.60
CA VAL A 154 -2.94 6.11 1.83
C VAL A 154 -4.44 6.04 1.52
N ASP A 155 -5.03 4.89 1.75
CA ASP A 155 -6.47 4.64 1.58
C ASP A 155 -7.32 5.22 2.72
N ASN A 156 -8.62 5.37 2.45
CA ASN A 156 -9.63 5.83 3.42
C ASN A 156 -9.36 7.27 3.88
N ALA A 157 -8.75 8.12 3.03
CA ALA A 157 -8.44 9.52 3.38
C ALA A 157 -9.72 10.34 3.49
N LEU A 158 -10.78 9.99 2.73
CA LEU A 158 -12.03 10.75 2.78
C LEU A 158 -13.09 10.00 3.59
N SER A 159 -13.14 8.68 3.52
CA SER A 159 -14.09 7.91 4.37
C SER A 159 -13.79 8.15 5.86
N HIS A 160 -12.52 8.36 6.18
CA HIS A 160 -12.06 8.45 7.61
C HIS A 160 -11.18 9.67 7.80
N GLY A 161 -11.65 10.84 7.33
CA GLY A 161 -10.88 12.09 7.41
C GLY A 161 -10.48 12.40 8.86
N GLU A 162 -11.38 12.22 9.83
CA GLU A 162 -11.11 12.58 11.25
C GLU A 162 -9.98 11.70 11.76
N GLN A 163 -10.07 10.41 11.54
CA GLN A 163 -9.02 9.47 12.00
C GLN A 163 -7.68 9.80 11.34
N MET A 164 -7.71 10.21 10.06
CA MET A 164 -6.51 10.46 9.26
C MET A 164 -5.92 11.83 9.62
N ALA A 165 -6.68 12.71 10.23
CA ALA A 165 -6.31 14.15 10.28
C ALA A 165 -4.93 14.35 10.91
N PRO A 166 -4.61 13.76 12.08
CA PRO A 166 -3.28 14.00 12.64
C PRO A 166 -2.11 13.61 11.72
N PHE A 167 -2.26 12.48 11.06
CA PHE A 167 -1.25 12.00 10.10
C PHE A 167 -1.14 12.94 8.90
N LYS A 168 -2.27 13.31 8.30
CA LYS A 168 -2.29 14.21 7.12
C LYS A 168 -1.60 15.51 7.52
N ALA A 169 -1.87 16.04 8.73
CA ALA A 169 -1.24 17.28 9.20
C ALA A 169 0.28 17.13 9.31
N LEU A 170 0.77 16.01 9.85
CA LEU A 170 2.23 15.80 9.98
C LEU A 170 2.88 15.86 8.59
N VAL A 171 2.30 15.13 7.67
CA VAL A 171 2.89 14.97 6.31
C VAL A 171 2.82 16.32 5.59
N GLU A 172 1.68 16.99 5.69
CA GLU A 172 1.53 18.32 5.03
C GLU A 172 2.51 19.36 5.60
N ALA A 173 2.93 19.23 6.88
CA ALA A 173 3.88 20.15 7.52
C ALA A 173 5.32 19.89 7.07
N ASP A 174 5.60 18.72 6.49
CA ASP A 174 6.96 18.31 6.09
C ASP A 174 7.27 18.93 4.71
N VAL A 175 8.12 19.94 4.66
CA VAL A 175 8.53 20.68 3.44
C VAL A 175 9.17 19.76 2.40
N GLU A 176 9.62 18.56 2.81
CA GLU A 176 10.19 17.55 1.87
C GLU A 176 9.11 16.77 1.13
N PHE A 177 7.82 17.04 1.37
CA PHE A 177 6.76 16.26 0.70
C PHE A 177 5.85 17.20 -0.09
N THR A 178 5.39 16.69 -1.23
CA THR A 178 4.33 17.33 -2.03
C THR A 178 3.13 16.41 -1.94
N THR A 179 1.96 16.96 -1.64
CA THR A 179 0.79 16.12 -1.34
C THR A 179 -0.45 16.49 -2.13
N CYS A 180 -1.38 15.55 -2.19
CA CYS A 180 -2.74 15.81 -2.68
C CYS A 180 -3.69 14.75 -2.15
N VAL A 181 -4.95 14.95 -2.42
CA VAL A 181 -6.02 13.95 -2.15
C VAL A 181 -6.80 13.69 -3.44
N VAL A 182 -6.93 12.42 -3.81
CA VAL A 182 -7.62 11.92 -5.04
C VAL A 182 -8.90 11.24 -4.55
N PRO A 183 -10.12 11.71 -4.86
CA PRO A 183 -11.34 11.03 -4.45
C PRO A 183 -11.65 9.77 -5.26
N VAL A 184 -10.69 8.90 -5.45
CA VAL A 184 -11.00 7.55 -5.95
C VAL A 184 -11.33 6.65 -4.75
N GLY A 185 -12.36 5.85 -4.91
CA GLY A 185 -12.78 4.89 -3.88
C GLY A 185 -13.06 5.60 -2.58
N LYS A 186 -12.42 5.18 -1.47
CA LYS A 186 -12.61 5.86 -0.15
C LYS A 186 -11.63 6.98 0.06
N GLY A 187 -10.92 7.40 -0.99
CA GLY A 187 -10.06 8.58 -0.95
C GLY A 187 -8.62 8.18 -0.74
N GLU A 188 -7.75 8.69 -1.58
CA GLU A 188 -6.31 8.41 -1.53
C GLU A 188 -5.60 9.69 -1.18
N PHE A 189 -4.84 9.65 -0.08
CA PHE A 189 -3.87 10.71 0.27
C PHE A 189 -2.53 10.33 -0.34
N LEU A 190 -1.99 11.18 -1.21
CA LEU A 190 -0.71 10.93 -1.87
C LEU A 190 0.32 11.91 -1.36
N ALA A 191 1.53 11.42 -1.17
CA ALA A 191 2.65 12.24 -0.71
C ALA A 191 3.92 11.74 -1.36
N THR A 192 4.58 12.63 -2.10
CA THR A 192 5.84 12.28 -2.78
C THR A 192 6.99 13.02 -2.14
N ARG A 193 8.05 12.28 -1.88
CA ARG A 193 9.24 12.81 -1.19
C ARG A 193 10.09 13.54 -2.23
N SER A 194 10.49 14.76 -1.93
CA SER A 194 11.40 15.56 -2.79
C SER A 194 12.75 14.87 -2.94
N ALA A 195 13.38 15.04 -4.09
CA ALA A 195 14.83 14.83 -4.19
C ALA A 195 15.54 15.75 -3.18
N LEU A 196 16.68 15.33 -2.71
CA LEU A 196 17.55 16.20 -1.88
C LEU A 196 18.40 17.04 -2.82
N GLU A 197 19.06 18.07 -2.30
CA GLU A 197 20.05 18.87 -3.06
C GLU A 197 21.11 17.87 -3.57
N HIS A 198 21.51 17.97 -4.82
CA HIS A 198 22.63 17.21 -5.43
C HIS A 198 23.62 18.16 -6.05
N HIS A 199 24.84 17.70 -6.28
CA HIS A 199 25.87 18.44 -7.05
C HIS A 199 25.53 18.50 -8.55
#